data_5SMC
#
_entry.id   5SMC
#
_cell.length_a   67.733
_cell.length_b   68.084
_cell.length_c   138.738
_cell.angle_alpha   90.000
_cell.angle_beta   90.000
_cell.angle_gamma   90.000
#
_symmetry.space_group_name_H-M   'P 21 21 21'
#
loop_
_entity.id
_entity.type
_entity.pdbx_description
1 polymer 'Proofreading exoribonuclease nsp14'
2 non-polymer 'ZINC ION'
3 non-polymer 'PHOSPHATE ION'
4 non-polymer N~2~-(4-cyano-3-methyl-1,2-thiazol-5-yl)-N~2~-methylglycinamide
5 water water
#
_entity_poly.entity_id   1
_entity_poly.type   'polypeptide(L)'
_entity_poly.pdbx_seq_one_letter_code
;SMLFKDCSKVITGLHPTQAPTHLSVDTKFKTEGLCVDIPGIPKDMTYRRLISMMGFKMNYQVNGYPNMFITREEAIRHVR
AWIGFDVEGCHATREAVGTNLPLQLGFSTGVNLVAVPTGYVDTPNNTDFSRVSAKPPPGDQFKHLIPLMYKGLPWNVVRI
KIVQMLSDTLKNLSDRVVFVLWAHGFELTSMKYFVKIGPERTCCLCDRRATCFSTASDTYACWHHSIGFDYVYNPFMIDV
QQWGFTGNLQSNHDLYCQVHGNAHVASCDAIMTRCLAVHECFVKRVDWTIEYPIIGDELKINAACRKVQHMVVKAALLAD
KFPVLHDIGNPKAIKCVPQADVEWKFYDAQPCSDKAYKIEELFYSYATHSDKFTDGVCLFWNCNVDRYPANSIVCRFDTR
VLSNLNLPGCDGGSLYVNKHAFHTPAFDKSAFVNLKQLPFFYYSDSPCESHGKQVVSDIDYVPLKSATCITRCNLGGAVC
RHHANEYRLYLDAYNMMISAGFSLWVYKQFDTYNLWNTFTRLQ
;
_entity_poly.pdbx_strand_id   D
#
loop_
_chem_comp.id
_chem_comp.type
_chem_comp.name
_chem_comp.formula
LRF non-polymer N~2~-(4-cyano-3-methyl-1,2-thiazol-5-yl)-N~2~-methylglycinamide 'C8 H10 N4 O S'
PO4 non-polymer 'PHOSPHATE ION' 'O4 P -3'
ZN non-polymer 'ZINC ION' 'Zn 2'
#
# COMPACT_ATOMS: atom_id res chain seq x y z
N PRO A 20 26.96 8.83 2.97
CA PRO A 20 25.96 8.72 1.89
C PRO A 20 24.64 8.04 2.30
N THR A 21 24.09 8.41 3.46
CA THR A 21 22.77 7.91 3.96
C THR A 21 21.76 9.05 3.92
N HIS A 22 21.99 10.15 4.67
CA HIS A 22 21.04 11.29 4.83
C HIS A 22 21.35 12.39 3.79
N LEU A 23 20.37 13.24 3.45
CA LEU A 23 20.51 14.42 2.54
C LEU A 23 21.32 15.52 3.23
N SER A 24 22.48 15.91 2.66
CA SER A 24 23.32 17.01 3.19
C SER A 24 22.49 18.29 3.18
N VAL A 25 22.54 19.08 4.25
CA VAL A 25 21.86 20.41 4.29
C VAL A 25 22.54 21.36 3.32
N ASP A 26 23.77 21.06 2.86
CA ASP A 26 24.54 21.94 1.93
C ASP A 26 24.25 21.55 0.48
N THR A 27 23.38 20.57 0.24
CA THR A 27 22.82 20.24 -1.10
C THR A 27 22.02 21.43 -1.65
N LYS A 28 21.99 21.60 -2.97
CA LYS A 28 21.33 22.78 -3.59
C LYS A 28 19.84 22.48 -3.74
N PHE A 29 19.03 23.52 -3.54
CA PHE A 29 17.57 23.47 -3.72
C PHE A 29 17.21 24.43 -4.85
N LYS A 30 16.59 23.92 -5.92
CA LYS A 30 16.13 24.73 -7.06
C LYS A 30 14.92 25.53 -6.62
N THR A 31 14.94 26.85 -6.76
CA THR A 31 14.02 27.80 -6.09
C THR A 31 13.02 28.38 -7.10
N GLU A 32 13.10 27.94 -8.36
CA GLU A 32 12.27 28.51 -9.45
C GLU A 32 10.81 28.34 -9.07
N GLY A 33 10.44 27.16 -8.58
CA GLY A 33 9.08 26.84 -8.08
C GLY A 33 8.57 27.80 -7.02
N LEU A 34 9.46 28.42 -6.23
CA LEU A 34 9.10 29.27 -5.05
C LEU A 34 8.88 30.73 -5.46
N CYS A 35 9.36 31.13 -6.62
CA CYS A 35 9.62 32.57 -6.88
C CYS A 35 8.34 33.35 -7.18
N VAL A 36 7.16 32.71 -7.22
CA VAL A 36 5.89 33.48 -7.37
C VAL A 36 5.33 33.84 -5.98
N ASP A 37 5.21 32.86 -5.07
CA ASP A 37 4.93 33.18 -3.65
C ASP A 37 6.07 34.00 -3.03
N ILE A 38 7.33 33.76 -3.41
CA ILE A 38 8.53 34.42 -2.80
C ILE A 38 9.36 35.13 -3.88
N PRO A 39 8.87 36.25 -4.42
CA PRO A 39 9.62 37.00 -5.42
C PRO A 39 10.97 37.53 -4.90
N GLY A 40 12.03 37.33 -5.67
CA GLY A 40 13.40 37.75 -5.34
C GLY A 40 14.20 36.62 -4.74
N ILE A 41 13.62 35.44 -4.59
CA ILE A 41 14.36 34.35 -3.91
C ILE A 41 15.68 34.14 -4.67
N PRO A 42 16.82 33.97 -3.97
CA PRO A 42 18.09 33.60 -4.61
C PRO A 42 17.93 32.37 -5.50
N LYS A 43 18.59 32.36 -6.66
CA LYS A 43 18.70 31.15 -7.51
C LYS A 43 19.63 30.17 -6.77
N ASP A 44 20.64 30.69 -6.10
CA ASP A 44 21.59 29.87 -5.31
C ASP A 44 21.01 29.73 -3.89
N MET A 45 20.68 28.51 -3.50
CA MET A 45 20.02 28.21 -2.18
C MET A 45 20.39 26.79 -1.74
N THR A 46 20.88 26.62 -0.51
CA THR A 46 21.01 25.27 0.11
C THR A 46 19.77 25.00 0.98
N TYR A 47 19.65 23.75 1.43
CA TYR A 47 18.61 23.35 2.42
C TYR A 47 18.83 24.16 3.70
N ARG A 48 20.07 24.25 4.14
CA ARG A 48 20.53 25.02 5.32
C ARG A 48 19.96 26.44 5.29
N ARG A 49 20.15 27.19 4.21
CA ARG A 49 19.59 28.57 4.11
C ARG A 49 18.07 28.50 3.93
N LEU A 50 17.54 27.49 3.25
CA LEU A 50 16.07 27.34 3.07
C LEU A 50 15.44 27.12 4.46
N ILE A 51 15.98 26.19 5.23
CA ILE A 51 15.39 25.84 6.55
C ILE A 51 15.39 27.09 7.44
N SER A 52 16.45 27.88 7.37
CA SER A 52 16.59 29.17 8.09
C SER A 52 15.51 30.15 7.64
N MET A 53 15.27 30.25 6.34
CA MET A 53 14.27 31.19 5.77
C MET A 53 12.85 30.76 6.18
N MET A 54 12.65 29.47 6.41
CA MET A 54 11.34 28.93 6.87
C MET A 54 11.16 29.22 8.37
N GLY A 55 12.15 29.82 9.02
CA GLY A 55 12.08 30.29 10.42
C GLY A 55 12.55 29.25 11.45
N PHE A 56 13.28 28.21 11.06
CA PHE A 56 13.82 27.16 11.96
C PHE A 56 15.32 27.39 12.15
N LYS A 57 15.88 26.88 13.25
CA LYS A 57 17.34 26.94 13.55
C LYS A 57 17.84 25.51 13.82
N MET A 58 18.83 25.03 13.07
CA MET A 58 19.37 23.64 13.20
C MET A 58 20.55 23.61 14.19
N ASN A 59 20.97 24.76 14.75
CA ASN A 59 21.98 24.88 15.83
C ASN A 59 23.06 23.79 15.73
N TYR A 60 23.68 23.59 14.56
CA TYR A 60 24.75 22.58 14.31
C TYR A 60 24.54 21.39 15.27
N GLN A 61 23.50 20.58 15.05
CA GLN A 61 23.03 19.54 16.00
C GLN A 61 23.20 18.13 15.40
N VAL A 62 23.91 17.25 16.13
CA VAL A 62 24.13 15.81 15.79
C VAL A 62 23.27 14.96 16.73
N ASN A 63 21.94 15.14 16.69
CA ASN A 63 21.00 14.41 17.57
C ASN A 63 19.95 13.71 16.70
N GLY A 64 20.41 13.08 15.61
CA GLY A 64 19.61 12.14 14.78
C GLY A 64 18.56 12.84 13.93
N TYR A 65 18.68 14.15 13.70
CA TYR A 65 17.76 14.94 12.84
C TYR A 65 18.59 15.93 12.01
N PRO A 66 19.44 15.44 11.09
CA PRO A 66 20.41 16.27 10.40
C PRO A 66 19.74 17.24 9.42
N ASN A 67 18.56 16.88 8.91
CA ASN A 67 17.84 17.65 7.88
C ASN A 67 16.33 17.36 7.95
N MET A 68 15.50 18.39 7.81
CA MET A 68 14.02 18.27 7.67
C MET A 68 13.73 17.57 6.34
N PHE A 69 14.48 17.91 5.29
CA PHE A 69 14.29 17.35 3.93
C PHE A 69 15.08 16.05 3.83
N ILE A 70 14.61 15.14 2.96
CA ILE A 70 15.18 13.78 2.81
C ILE A 70 15.32 13.42 1.33
N THR A 71 16.14 12.39 1.12
CA THR A 71 16.43 11.78 -0.20
C THR A 71 15.18 11.02 -0.63
N ARG A 72 14.93 10.97 -1.94
CA ARG A 72 14.01 10.01 -2.60
C ARG A 72 14.14 8.62 -1.95
N GLU A 73 15.34 8.09 -1.77
CA GLU A 73 15.54 6.72 -1.26
C GLU A 73 14.96 6.64 0.16
N GLU A 74 15.27 7.61 1.02
CA GLU A 74 14.74 7.62 2.41
C GLU A 74 13.22 7.73 2.32
N ALA A 75 12.68 8.59 1.44
CA ALA A 75 11.22 8.75 1.29
C ALA A 75 10.62 7.39 0.91
N ILE A 76 11.27 6.70 -0.04
CA ILE A 76 10.79 5.39 -0.52
C ILE A 76 10.77 4.39 0.64
N ARG A 77 11.75 4.41 1.55
CA ARG A 77 11.76 3.47 2.69
C ARG A 77 10.64 3.83 3.67
N HIS A 78 10.10 5.04 3.60
CA HIS A 78 9.11 5.59 4.57
C HIS A 78 7.83 5.99 3.81
N VAL A 79 7.47 5.22 2.78
CA VAL A 79 6.24 5.48 1.98
C VAL A 79 5.02 5.44 2.89
N ARG A 80 5.01 4.59 3.93
CA ARG A 80 3.83 4.51 4.82
C ARG A 80 3.63 5.86 5.52
N ALA A 81 4.67 6.70 5.59
CA ALA A 81 4.60 8.00 6.28
C ALA A 81 4.10 9.12 5.36
N TRP A 82 3.94 8.91 4.04
CA TRP A 82 3.69 10.04 3.12
C TRP A 82 2.30 10.64 3.35
N ILE A 83 2.28 11.95 3.51
CA ILE A 83 1.05 12.80 3.50
C ILE A 83 1.33 13.96 2.54
N GLY A 84 0.64 14.00 1.41
CA GLY A 84 0.62 15.17 0.54
C GLY A 84 0.17 16.38 1.34
N PHE A 85 0.84 17.51 1.12
CA PHE A 85 0.55 18.79 1.81
C PHE A 85 0.66 19.94 0.81
N ASP A 86 -0.36 20.79 0.78
CA ASP A 86 -0.41 21.97 -0.10
C ASP A 86 -1.14 23.12 0.61
N VAL A 87 -0.65 24.34 0.42
CA VAL A 87 -1.27 25.56 0.96
C VAL A 87 -1.55 26.50 -0.23
N GLU A 88 -2.68 27.20 -0.18
CA GLU A 88 -3.13 28.16 -1.22
C GLU A 88 -3.69 29.42 -0.52
N GLY A 89 -3.20 30.61 -0.89
CA GLY A 89 -3.83 31.91 -0.58
C GLY A 89 -5.31 31.86 -0.93
N CYS A 90 -6.17 32.40 -0.06
CA CYS A 90 -7.64 32.11 -0.04
C CYS A 90 -8.44 33.36 -0.47
N HIS A 91 -7.99 34.56 -0.07
CA HIS A 91 -8.53 35.86 -0.55
C HIS A 91 -7.37 36.85 -0.68
N GLY A 98 -0.06 34.84 3.58
CA GLY A 98 1.08 35.33 4.38
C GLY A 98 0.69 36.51 5.25
N THR A 99 0.56 36.29 6.57
CA THR A 99 0.35 37.30 7.64
C THR A 99 -0.87 38.19 7.35
N ASN A 100 -0.98 38.70 6.12
CA ASN A 100 -2.13 39.50 5.63
C ASN A 100 -3.39 38.62 5.60
N LEU A 101 -3.37 37.53 4.79
CA LEU A 101 -4.61 36.85 4.31
C LEU A 101 -4.73 35.42 4.85
N PRO A 102 -5.94 34.82 4.80
CA PRO A 102 -6.17 33.45 5.23
C PRO A 102 -5.58 32.39 4.30
N LEU A 103 -4.98 31.33 4.86
CA LEU A 103 -4.39 30.19 4.12
C LEU A 103 -5.33 28.98 4.16
N GLN A 104 -5.44 28.28 3.03
CA GLN A 104 -6.11 26.97 2.88
C GLN A 104 -5.03 25.89 3.04
N LEU A 105 -5.14 25.06 4.08
CA LEU A 105 -4.22 23.93 4.32
C LEU A 105 -4.91 22.66 3.83
N GLY A 106 -4.30 21.97 2.88
CA GLY A 106 -4.83 20.76 2.24
C GLY A 106 -3.94 19.59 2.50
N PHE A 107 -4.50 18.41 2.80
CA PHE A 107 -3.73 17.16 3.01
C PHE A 107 -4.33 16.07 2.14
N SER A 108 -3.50 15.07 1.78
CA SER A 108 -3.86 13.90 0.95
C SER A 108 -4.87 13.00 1.71
N THR A 109 -5.18 13.32 2.96
CA THR A 109 -6.35 12.73 3.65
C THR A 109 -7.66 13.31 3.09
N GLY A 110 -7.59 14.34 2.25
CA GLY A 110 -8.80 14.98 1.71
C GLY A 110 -9.31 16.08 2.62
N VAL A 111 -8.60 16.36 3.71
CA VAL A 111 -8.96 17.46 4.67
C VAL A 111 -8.42 18.81 4.17
N ASN A 112 -9.25 19.85 4.29
CA ASN A 112 -8.91 21.27 4.07
C ASN A 112 -9.24 22.08 5.32
N LEU A 113 -8.23 22.65 5.98
CA LEU A 113 -8.39 23.64 7.07
C LEU A 113 -8.13 25.04 6.55
N VAL A 114 -8.81 26.04 7.10
CA VAL A 114 -8.51 27.48 6.83
C VAL A 114 -7.95 28.08 8.12
N ALA A 115 -6.69 28.53 8.08
CA ALA A 115 -6.00 29.30 9.15
C ALA A 115 -6.13 30.79 8.86
N VAL A 116 -6.44 31.60 9.88
CA VAL A 116 -6.36 33.09 9.85
C VAL A 116 -5.31 33.54 10.86
N PRO A 117 -4.66 34.70 10.64
CA PRO A 117 -3.65 35.21 11.58
C PRO A 117 -4.26 35.98 12.76
N THR A 118 -5.45 36.57 12.58
CA THR A 118 -6.17 37.43 13.58
C THR A 118 -5.28 37.69 14.79
N PRO A 147 -12.44 15.82 0.14
CA PRO A 147 -13.48 16.81 -0.23
C PRO A 147 -13.92 17.69 0.96
N LEU A 148 -13.57 17.32 2.20
CA LEU A 148 -14.00 18.00 3.46
C LEU A 148 -13.41 19.40 3.50
N MET A 149 -14.29 20.42 3.51
CA MET A 149 -13.94 21.86 3.68
C MET A 149 -14.33 22.30 5.10
N TYR A 150 -13.45 23.04 5.80
CA TYR A 150 -13.70 23.65 7.14
C TYR A 150 -13.50 25.17 7.06
N LYS A 151 -14.25 25.92 7.90
CA LYS A 151 -14.25 27.41 7.97
C LYS A 151 -13.00 27.93 8.70
N GLY A 152 -12.76 29.25 8.60
CA GLY A 152 -11.55 29.95 9.09
C GLY A 152 -11.43 29.99 10.62
N LEU A 153 -10.26 29.63 11.14
CA LEU A 153 -9.94 29.60 12.60
C LEU A 153 -8.47 29.95 12.80
N PRO A 154 -8.09 30.49 13.97
CA PRO A 154 -6.71 30.82 14.25
C PRO A 154 -5.81 29.59 14.32
N TRP A 155 -4.51 29.82 14.22
CA TRP A 155 -3.46 28.79 14.17
C TRP A 155 -3.47 27.93 15.44
N ASN A 156 -3.77 28.55 16.59
CA ASN A 156 -3.69 27.89 17.92
C ASN A 156 -4.66 26.69 17.95
N VAL A 157 -5.81 26.76 17.27
CA VAL A 157 -6.78 25.61 17.19
C VAL A 157 -6.46 24.76 15.96
N VAL A 158 -6.20 25.39 14.82
CA VAL A 158 -5.86 24.69 13.54
C VAL A 158 -4.72 23.70 13.83
N ARG A 159 -3.75 24.04 14.68
CA ARG A 159 -2.56 23.17 14.86
C ARG A 159 -2.97 21.91 15.64
N ILE A 160 -3.94 22.02 16.56
CA ILE A 160 -4.49 20.89 17.37
C ILE A 160 -5.11 19.86 16.42
N LYS A 161 -5.96 20.34 15.51
CA LYS A 161 -6.59 19.50 14.47
C LYS A 161 -5.50 18.78 13.65
N ILE A 162 -4.40 19.47 13.30
CA ILE A 162 -3.33 18.88 12.45
C ILE A 162 -2.70 17.69 13.18
N VAL A 163 -2.44 17.80 14.48
CA VAL A 163 -1.91 16.67 15.30
C VAL A 163 -2.94 15.54 15.34
N GLN A 164 -4.21 15.84 15.61
CA GLN A 164 -5.26 14.78 15.74
C GLN A 164 -5.31 13.99 14.43
N MET A 165 -5.35 14.71 13.31
CA MET A 165 -5.55 14.16 11.94
C MET A 165 -4.36 13.26 11.55
N LEU A 166 -3.14 13.74 11.79
CA LEU A 166 -1.91 12.99 11.43
C LEU A 166 -1.79 11.76 12.33
N SER A 167 -2.14 11.88 13.61
CA SER A 167 -2.01 10.80 14.61
C SER A 167 -2.94 9.64 14.25
N ASP A 168 -4.20 9.96 13.97
CA ASP A 168 -5.24 8.97 13.60
C ASP A 168 -4.85 8.32 12.28
N THR A 169 -4.24 9.08 11.37
CA THR A 169 -3.90 8.58 10.02
C THR A 169 -2.69 7.65 10.15
N LEU A 170 -1.70 8.00 10.98
CA LEU A 170 -0.34 7.41 10.88
C LEU A 170 -0.06 6.37 11.97
N LYS A 171 -0.82 6.33 13.07
CA LYS A 171 -0.39 5.61 14.31
C LYS A 171 -0.19 4.12 14.02
N ASN A 172 -0.96 3.54 13.10
CA ASN A 172 -0.85 2.10 12.73
C ASN A 172 -0.03 1.90 11.45
N LEU A 173 0.68 2.92 10.97
CA LEU A 173 1.45 2.87 9.69
C LEU A 173 2.93 3.14 9.95
N SER A 174 3.27 4.21 10.66
CA SER A 174 4.65 4.76 10.66
C SER A 174 5.05 5.40 12.01
N ASP A 175 6.34 5.32 12.33
CA ASP A 175 7.00 6.08 13.42
C ASP A 175 7.16 7.56 13.08
N ARG A 176 6.82 8.02 11.86
CA ARG A 176 7.05 9.43 11.43
C ARG A 176 5.95 9.94 10.48
N VAL A 177 6.07 11.21 10.08
CA VAL A 177 5.35 11.84 8.92
C VAL A 177 6.40 12.31 7.89
N VAL A 178 6.11 12.12 6.61
CA VAL A 178 6.86 12.71 5.46
C VAL A 178 5.90 13.60 4.68
N PHE A 179 5.96 14.92 4.85
CA PHE A 179 5.12 15.83 4.04
C PHE A 179 5.65 15.79 2.60
N VAL A 180 4.77 15.43 1.66
CA VAL A 180 5.16 15.33 0.23
C VAL A 180 4.64 16.61 -0.45
N LEU A 181 5.55 17.36 -1.07
CA LEU A 181 5.31 18.76 -1.52
C LEU A 181 5.50 18.90 -3.03
N TRP A 182 4.69 19.79 -3.61
CA TRP A 182 4.99 20.49 -4.88
C TRP A 182 5.10 21.98 -4.51
N ALA A 183 6.29 22.36 -4.04
CA ALA A 183 6.55 23.54 -3.19
C ALA A 183 6.45 24.81 -4.01
N HIS A 184 5.65 25.78 -3.58
CA HIS A 184 5.60 27.10 -4.26
C HIS A 184 5.82 28.26 -3.27
N GLY A 185 5.99 27.98 -1.97
CA GLY A 185 6.36 28.96 -0.94
C GLY A 185 5.48 28.88 0.31
N PHE A 186 4.17 29.09 0.17
CA PHE A 186 3.26 29.20 1.34
C PHE A 186 3.24 27.93 2.21
N GLU A 187 3.48 26.74 1.65
CA GLU A 187 3.50 25.51 2.49
C GLU A 187 4.75 25.59 3.37
N LEU A 188 5.92 25.83 2.77
CA LEU A 188 7.21 25.91 3.51
C LEU A 188 7.19 27.04 4.55
N THR A 189 6.57 28.18 4.25
CA THR A 189 6.59 29.34 5.19
C THR A 189 5.49 29.18 6.26
N SER A 190 4.56 28.24 6.11
CA SER A 190 3.46 28.04 7.09
C SER A 190 3.85 26.98 8.14
N MET A 191 4.95 26.26 7.94
CA MET A 191 5.31 25.15 8.87
C MET A 191 5.67 25.68 10.26
N LYS A 192 6.36 26.81 10.36
CA LYS A 192 6.68 27.43 11.68
C LYS A 192 5.41 27.53 12.55
N TYR A 193 4.22 27.57 11.95
CA TYR A 193 2.96 27.78 12.68
C TYR A 193 2.46 26.48 13.34
N PHE A 194 2.95 25.31 12.95
CA PHE A 194 2.46 24.03 13.53
C PHE A 194 3.56 23.00 13.69
N VAL A 195 4.82 23.32 13.43
CA VAL A 195 5.98 22.38 13.58
C VAL A 195 6.98 22.96 14.60
N LYS A 196 7.54 22.10 15.45
CA LYS A 196 8.74 22.36 16.28
C LYS A 196 9.77 21.28 15.92
N ILE A 197 11.05 21.63 15.91
CA ILE A 197 12.15 20.64 15.70
C ILE A 197 13.08 20.69 16.91
N GLY A 198 13.90 19.66 17.05
CA GLY A 198 14.90 19.56 18.11
C GLY A 198 15.60 18.23 17.97
N PRO A 199 16.31 17.76 19.00
CA PRO A 199 16.96 16.46 18.94
C PRO A 199 15.87 15.38 18.86
N GLU A 200 16.20 14.22 18.30
CA GLU A 200 15.37 13.01 18.40
C GLU A 200 15.00 12.82 19.86
N ARG A 201 13.81 12.29 20.11
CA ARG A 201 13.25 12.10 21.48
C ARG A 201 12.34 10.87 21.49
N THR A 202 11.97 10.42 22.68
CA THR A 202 11.03 9.29 22.85
C THR A 202 9.74 9.80 23.49
N CYS A 203 8.65 9.07 23.24
CA CYS A 203 7.33 9.29 23.87
C CYS A 203 7.49 9.35 25.39
N CYS A 204 6.70 10.19 26.04
CA CYS A 204 6.63 10.27 27.53
C CYS A 204 5.86 9.07 28.11
N LEU A 205 5.10 8.32 27.29
CA LEU A 205 4.30 7.15 27.73
C LEU A 205 4.78 5.82 27.10
N CYS A 206 5.79 5.80 26.23
CA CYS A 206 6.27 4.54 25.57
C CYS A 206 7.67 4.73 24.98
N ASP A 207 8.16 3.75 24.21
CA ASP A 207 9.55 3.70 23.71
C ASP A 207 9.62 4.10 22.24
N ARG A 208 8.48 4.40 21.62
CA ARG A 208 8.39 4.83 20.21
C ARG A 208 8.99 6.23 20.07
N ARG A 209 9.66 6.53 18.95
CA ARG A 209 10.24 7.88 18.70
C ARG A 209 9.06 8.88 18.78
N ALA A 210 9.36 10.10 19.22
CA ALA A 210 8.37 11.19 19.43
C ALA A 210 8.08 11.88 18.10
N THR A 211 6.81 12.18 17.83
CA THR A 211 6.33 12.80 16.57
C THR A 211 5.47 14.03 16.84
N CYS A 212 5.19 14.32 18.11
CA CYS A 212 4.29 15.44 18.54
C CYS A 212 4.85 16.08 19.80
N PHE A 213 4.39 17.29 20.14
CA PHE A 213 4.82 18.06 21.33
C PHE A 213 3.64 18.87 21.89
N SER A 214 3.49 18.91 23.22
CA SER A 214 2.46 19.74 23.90
C SER A 214 3.14 20.95 24.53
N THR A 215 2.62 22.17 24.27
CA THR A 215 3.04 23.40 24.97
C THR A 215 2.33 23.50 26.32
N ALA A 216 1.19 22.83 26.51
CA ALA A 216 0.48 22.81 27.81
C ALA A 216 1.33 22.12 28.87
N SER A 217 1.92 20.98 28.52
CA SER A 217 2.58 20.05 29.46
C SER A 217 4.11 20.11 29.30
N ASP A 218 4.64 20.65 28.21
CA ASP A 218 6.11 20.61 27.97
C ASP A 218 6.58 19.17 27.76
N THR A 219 5.76 18.30 27.16
CA THR A 219 6.07 16.86 26.94
C THR A 219 5.96 16.46 25.47
N TYR A 220 6.50 15.29 25.16
CA TYR A 220 6.62 14.71 23.81
C TYR A 220 5.79 13.43 23.76
N ALA A 221 5.19 13.14 22.61
CA ALA A 221 4.40 11.92 22.38
C ALA A 221 4.70 11.36 20.99
N CYS A 222 4.48 10.06 20.84
CA CYS A 222 4.37 9.37 19.53
C CYS A 222 2.93 9.56 19.02
N TRP A 223 2.58 8.94 17.89
CA TRP A 223 1.25 9.11 17.24
C TRP A 223 0.18 8.49 18.15
N HIS A 224 0.51 7.40 18.87
CA HIS A 224 -0.46 6.63 19.71
C HIS A 224 -0.90 7.47 20.91
N HIS A 225 -0.05 8.38 21.42
CA HIS A 225 -0.22 8.96 22.77
C HIS A 225 -0.38 10.48 22.73
N SER A 226 -0.87 11.04 21.62
CA SER A 226 -0.67 12.48 21.31
C SER A 226 -1.94 13.30 21.55
N ILE A 227 -2.94 12.73 22.20
CA ILE A 227 -4.29 13.36 22.34
C ILE A 227 -4.11 14.65 23.13
N GLY A 228 -4.56 15.79 22.57
CA GLY A 228 -4.40 17.13 23.17
C GLY A 228 -3.08 17.81 22.84
N PHE A 229 -2.17 17.19 22.09
CA PHE A 229 -0.89 17.83 21.68
C PHE A 229 -1.14 18.84 20.56
N ASP A 230 -0.31 19.88 20.48
CA ASP A 230 -0.55 21.07 19.61
C ASP A 230 0.54 21.27 18.54
N TYR A 231 1.66 20.53 18.56
CA TYR A 231 2.76 20.77 17.57
C TYR A 231 3.24 19.45 16.99
N VAL A 232 3.51 19.45 15.68
CA VAL A 232 4.20 18.32 14.99
C VAL A 232 5.70 18.43 15.30
N TYR A 233 6.30 17.33 15.74
CA TYR A 233 7.71 17.31 16.21
C TYR A 233 8.54 16.47 15.26
N ASN A 234 9.60 17.10 14.73
CA ASN A 234 10.61 16.50 13.83
C ASN A 234 9.92 15.80 12.66
N PRO A 235 9.03 16.51 11.92
CA PRO A 235 8.51 15.98 10.67
C PRO A 235 9.65 15.79 9.67
N PHE A 236 9.43 14.97 8.65
CA PHE A 236 10.27 14.99 7.42
C PHE A 236 9.42 15.51 6.27
N MET A 237 10.08 15.81 5.16
CA MET A 237 9.46 16.45 3.97
C MET A 237 10.36 16.26 2.77
N ILE A 238 9.76 16.40 1.59
CA ILE A 238 10.42 16.20 0.27
C ILE A 238 9.62 16.97 -0.79
N ASP A 239 10.32 17.78 -1.56
CA ASP A 239 9.72 18.58 -2.65
C ASP A 239 9.89 17.77 -3.92
N VAL A 240 8.75 17.32 -4.49
CA VAL A 240 8.67 16.49 -5.72
C VAL A 240 9.32 17.29 -6.86
N GLN A 241 9.11 18.61 -6.85
CA GLN A 241 9.57 19.55 -7.90
C GLN A 241 11.10 19.56 -8.04
N GLN A 242 11.87 19.03 -7.08
CA GLN A 242 13.35 18.95 -7.22
C GLN A 242 13.76 17.80 -8.12
N TRP A 243 12.82 16.99 -8.61
CA TRP A 243 13.12 15.70 -9.27
C TRP A 243 13.34 15.88 -10.77
N GLY A 244 13.09 17.07 -11.31
CA GLY A 244 13.34 17.38 -12.72
C GLY A 244 12.09 17.17 -13.55
N PHE A 245 11.13 18.09 -13.41
CA PHE A 245 9.81 18.08 -14.09
C PHE A 245 9.65 19.40 -14.86
N THR A 246 9.00 19.34 -16.03
CA THR A 246 8.59 20.49 -16.86
C THR A 246 7.09 20.69 -16.73
N GLY A 247 6.64 21.94 -16.54
CA GLY A 247 5.21 22.30 -16.45
C GLY A 247 4.65 22.05 -15.06
N ASN A 248 3.37 22.31 -14.86
CA ASN A 248 2.77 22.41 -13.50
C ASN A 248 2.36 21.01 -13.00
N LEU A 249 1.91 20.95 -11.74
CA LEU A 249 1.52 19.71 -11.03
C LEU A 249 0.47 18.96 -11.85
N GLN A 250 -0.65 19.63 -12.16
CA GLN A 250 -1.78 19.00 -12.88
C GLN A 250 -1.30 18.34 -14.19
N SER A 251 -0.49 19.04 -14.97
CA SER A 251 -0.10 18.59 -16.33
C SER A 251 0.83 17.37 -16.24
N ASN A 252 1.51 17.17 -15.10
CA ASN A 252 2.36 15.98 -14.87
C ASN A 252 1.57 14.83 -14.24
N HIS A 253 0.74 15.13 -13.25
CA HIS A 253 -0.13 14.15 -12.59
C HIS A 253 -0.98 13.47 -13.66
N ASP A 254 -1.67 14.29 -14.47
CA ASP A 254 -2.69 13.89 -15.48
C ASP A 254 -2.06 13.06 -16.62
N LEU A 255 -0.74 13.03 -16.79
CA LEU A 255 -0.14 12.09 -17.76
C LEU A 255 -0.46 10.65 -17.32
N TYR A 256 -0.62 10.40 -16.01
CA TYR A 256 -0.49 9.06 -15.39
C TYR A 256 -1.78 8.60 -14.72
N CYS A 257 -2.73 9.50 -14.46
CA CYS A 257 -3.85 9.26 -13.52
C CYS A 257 -5.09 10.03 -13.96
N GLN A 258 -6.21 9.32 -14.18
CA GLN A 258 -7.54 9.88 -14.61
C GLN A 258 -8.47 10.01 -13.40
N VAL A 259 -8.07 9.54 -12.22
CA VAL A 259 -8.97 9.22 -11.08
C VAL A 259 -9.07 10.40 -10.12
N HIS A 260 -7.99 11.18 -9.97
CA HIS A 260 -7.95 12.40 -9.14
C HIS A 260 -8.22 13.61 -10.06
N GLY A 261 -9.21 14.44 -9.72
CA GLY A 261 -9.51 15.70 -10.45
C GLY A 261 -8.92 16.88 -9.74
N ASN A 262 -8.82 18.03 -10.41
CA ASN A 262 -8.54 19.33 -9.74
C ASN A 262 -9.84 20.09 -9.58
N ALA A 263 -10.11 20.54 -8.35
CA ALA A 263 -11.19 21.47 -8.02
C ALA A 263 -10.57 22.82 -7.61
N HIS A 264 -9.27 23.00 -7.88
CA HIS A 264 -8.46 24.19 -7.49
C HIS A 264 -8.57 24.43 -5.98
N VAL A 265 -8.66 23.35 -5.19
CA VAL A 265 -8.63 23.38 -3.70
C VAL A 265 -7.40 22.61 -3.22
N ALA A 266 -6.89 22.99 -2.05
CA ALA A 266 -5.56 22.61 -1.55
C ALA A 266 -5.46 21.08 -1.43
N SER A 267 -6.47 20.40 -0.89
CA SER A 267 -6.43 18.93 -0.68
C SER A 267 -6.29 18.17 -2.01
N CYS A 268 -6.84 18.71 -3.12
CA CYS A 268 -6.72 18.10 -4.48
C CYS A 268 -5.26 18.13 -4.97
N ASP A 269 -4.57 19.27 -4.81
CA ASP A 269 -3.13 19.38 -5.18
C ASP A 269 -2.33 18.42 -4.28
N ALA A 270 -2.67 18.39 -2.98
CA ALA A 270 -2.05 17.53 -1.96
C ALA A 270 -2.14 16.06 -2.37
N ILE A 271 -3.35 15.64 -2.74
CA ILE A 271 -3.65 14.28 -3.27
C ILE A 271 -2.85 14.04 -4.56
N MET A 272 -2.94 14.94 -5.54
CA MET A 272 -2.25 14.80 -6.86
C MET A 272 -0.73 14.69 -6.66
N THR A 273 -0.17 15.45 -5.71
CA THR A 273 1.29 15.50 -5.40
C THR A 273 1.76 14.10 -4.98
N ARG A 274 1.11 13.50 -3.98
CA ARG A 274 1.45 12.15 -3.46
C ARG A 274 1.21 11.11 -4.56
N CYS A 275 0.15 11.28 -5.35
CA CYS A 275 -0.16 10.37 -6.48
C CYS A 275 1.06 10.38 -7.41
N LEU A 276 1.53 11.58 -7.78
CA LEU A 276 2.62 11.69 -8.77
C LEU A 276 3.91 11.10 -8.18
N ALA A 277 4.17 11.36 -6.89
CA ALA A 277 5.32 10.79 -6.16
C ALA A 277 5.24 9.26 -6.20
N VAL A 278 4.06 8.69 -5.90
CA VAL A 278 3.89 7.21 -5.89
C VAL A 278 4.11 6.72 -7.32
N HIS A 279 3.61 7.46 -8.32
CA HIS A 279 3.83 7.05 -9.74
C HIS A 279 5.33 6.90 -9.98
N GLU A 280 6.10 7.93 -9.63
CA GLU A 280 7.56 8.03 -9.91
C GLU A 280 8.36 6.96 -9.15
N CYS A 281 7.96 6.63 -7.93
CA CYS A 281 8.78 5.80 -7.01
C CYS A 281 8.36 4.32 -7.02
N PHE A 282 7.15 3.97 -7.48
CA PHE A 282 6.59 2.59 -7.36
C PHE A 282 5.96 2.03 -8.64
N VAL A 283 5.71 2.87 -9.65
CA VAL A 283 5.17 2.44 -10.97
C VAL A 283 6.30 2.47 -12.01
N LYS A 284 6.75 3.66 -12.41
CA LYS A 284 7.82 3.78 -13.46
C LYS A 284 9.08 3.10 -12.93
N ARG A 285 9.42 3.31 -11.65
CA ARG A 285 10.60 2.71 -10.99
C ARG A 285 10.08 1.71 -9.95
N VAL A 286 10.77 0.58 -9.79
CA VAL A 286 10.36 -0.51 -8.86
C VAL A 286 11.62 -1.17 -8.26
N ASP A 287 11.81 -0.97 -6.96
CA ASP A 287 12.94 -1.53 -6.18
C ASP A 287 12.39 -2.58 -5.21
N TRP A 288 12.36 -3.85 -5.64
CA TRP A 288 11.79 -4.99 -4.86
C TRP A 288 12.83 -5.51 -3.87
N THR A 289 13.99 -4.85 -3.72
CA THR A 289 15.00 -5.22 -2.70
C THR A 289 14.62 -4.61 -1.35
N ILE A 290 13.91 -3.47 -1.35
CA ILE A 290 13.58 -2.71 -0.11
C ILE A 290 12.59 -3.53 0.72
N GLU A 291 13.03 -3.96 1.91
CA GLU A 291 12.18 -4.56 2.97
C GLU A 291 11.47 -3.43 3.73
N TYR A 292 10.34 -3.71 4.36
CA TYR A 292 9.54 -2.76 5.18
C TYR A 292 9.15 -3.44 6.48
N PRO A 293 9.10 -2.73 7.62
CA PRO A 293 8.75 -3.35 8.90
C PRO A 293 7.38 -4.04 8.93
N ILE A 294 7.20 -4.97 9.87
CA ILE A 294 5.91 -5.64 10.20
C ILE A 294 5.09 -4.65 11.02
N ILE A 295 3.82 -4.43 10.68
CA ILE A 295 2.93 -3.45 11.38
C ILE A 295 1.53 -4.07 11.63
N GLY A 296 1.32 -5.30 11.18
CA GLY A 296 0.01 -5.98 11.26
C GLY A 296 0.14 -7.48 11.10
N ASP A 297 -0.76 -8.10 10.33
CA ASP A 297 -0.87 -9.57 10.20
C ASP A 297 -0.09 -10.07 8.99
N GLU A 298 0.95 -9.34 8.57
CA GLU A 298 1.74 -9.72 7.36
C GLU A 298 2.06 -11.22 7.42
N LEU A 299 2.58 -11.72 8.53
CA LEU A 299 3.07 -13.12 8.60
C LEU A 299 1.92 -14.12 8.45
N LYS A 300 0.80 -13.90 9.14
CA LYS A 300 -0.40 -14.78 9.06
C LYS A 300 -0.96 -14.75 7.62
N ILE A 301 -1.06 -13.56 7.03
CA ILE A 301 -1.67 -13.34 5.68
C ILE A 301 -0.83 -14.10 4.65
N ASN A 302 0.50 -14.03 4.76
CA ASN A 302 1.44 -14.66 3.79
C ASN A 302 1.31 -16.19 3.92
N ALA A 303 1.13 -16.67 5.14
CA ALA A 303 1.00 -18.12 5.45
C ALA A 303 -0.34 -18.63 4.92
N ALA A 304 -1.41 -17.88 5.20
CA ALA A 304 -2.76 -18.14 4.67
C ALA A 304 -2.65 -18.33 3.16
N CYS A 305 -2.01 -17.38 2.48
CA CYS A 305 -1.93 -17.34 0.99
C CYS A 305 -1.25 -18.63 0.52
N ARG A 306 -0.16 -19.05 1.17
CA ARG A 306 0.54 -20.31 0.82
C ARG A 306 -0.42 -21.50 1.05
N LYS A 307 -1.20 -21.53 2.15
CA LYS A 307 -2.10 -22.69 2.46
C LYS A 307 -3.22 -22.78 1.41
N VAL A 308 -3.93 -21.68 1.17
CA VAL A 308 -5.08 -21.60 0.21
C VAL A 308 -4.61 -22.02 -1.18
N GLN A 309 -3.45 -21.54 -1.60
CA GLN A 309 -2.94 -21.83 -2.97
C GLN A 309 -2.76 -23.35 -3.12
N HIS A 310 -2.11 -24.01 -2.17
CA HIS A 310 -1.84 -25.48 -2.23
C HIS A 310 -3.20 -26.20 -2.27
N MET A 311 -4.14 -25.79 -1.41
CA MET A 311 -5.50 -26.35 -1.28
C MET A 311 -6.18 -26.27 -2.64
N VAL A 312 -6.24 -25.06 -3.20
CA VAL A 312 -7.10 -24.80 -4.40
C VAL A 312 -6.51 -25.50 -5.62
N VAL A 313 -5.21 -25.42 -5.80
CA VAL A 313 -4.57 -26.04 -7.00
C VAL A 313 -4.61 -27.56 -6.84
N LYS A 314 -4.30 -28.09 -5.66
CA LYS A 314 -4.36 -29.56 -5.40
C LYS A 314 -5.76 -30.10 -5.76
N ALA A 315 -6.82 -29.42 -5.32
CA ALA A 315 -8.22 -29.79 -5.56
C ALA A 315 -8.53 -29.71 -7.05
N ALA A 316 -8.17 -28.61 -7.71
CA ALA A 316 -8.38 -28.40 -9.17
C ALA A 316 -7.77 -29.57 -9.96
N LEU A 317 -6.59 -30.04 -9.58
CA LEU A 317 -5.92 -31.15 -10.29
C LEU A 317 -6.71 -32.45 -10.04
N LEU A 318 -7.19 -32.68 -8.82
CA LEU A 318 -7.88 -33.95 -8.43
C LEU A 318 -9.24 -33.99 -9.13
N ALA A 319 -9.97 -32.87 -9.14
CA ALA A 319 -11.32 -32.74 -9.73
C ALA A 319 -11.28 -32.99 -11.24
N ASP A 320 -10.36 -32.35 -11.99
CA ASP A 320 -10.44 -32.33 -13.47
C ASP A 320 -9.24 -32.99 -14.14
N LYS A 321 -8.24 -33.45 -13.38
CA LYS A 321 -7.11 -34.31 -13.85
C LYS A 321 -6.39 -33.70 -15.07
N PHE A 322 -6.24 -32.37 -15.11
CA PHE A 322 -5.46 -31.65 -16.14
C PHE A 322 -4.10 -32.33 -16.32
N PRO A 323 -3.67 -32.60 -17.57
CA PRO A 323 -2.35 -33.19 -17.81
C PRO A 323 -1.17 -32.19 -17.73
N VAL A 324 -1.45 -30.88 -17.81
CA VAL A 324 -0.41 -29.81 -17.81
C VAL A 324 -0.93 -28.59 -17.03
N LEU A 325 -0.11 -28.01 -16.16
CA LEU A 325 -0.40 -26.71 -15.50
C LEU A 325 0.60 -25.65 -15.99
N HIS A 326 0.09 -24.52 -16.47
CA HIS A 326 0.87 -23.35 -16.94
C HIS A 326 0.94 -22.35 -15.80
N ASP A 327 2.10 -22.25 -15.16
CA ASP A 327 2.32 -21.42 -13.94
C ASP A 327 2.91 -20.07 -14.38
N ILE A 328 2.04 -19.08 -14.59
CA ILE A 328 2.40 -17.76 -15.15
C ILE A 328 2.58 -16.76 -13.99
N GLY A 329 3.81 -16.34 -13.72
CA GLY A 329 4.02 -15.24 -12.77
C GLY A 329 5.40 -15.26 -12.16
N ASN A 330 5.48 -14.96 -10.87
CA ASN A 330 6.77 -14.77 -10.17
C ASN A 330 7.80 -15.75 -10.72
N PRO A 331 8.93 -15.26 -11.29
CA PRO A 331 9.99 -16.15 -11.77
C PRO A 331 10.78 -16.91 -10.67
N LYS A 332 10.56 -16.62 -9.38
CA LYS A 332 11.18 -17.35 -8.25
C LYS A 332 10.38 -18.61 -7.91
N ALA A 333 9.15 -18.72 -8.44
CA ALA A 333 8.05 -19.59 -7.96
C ALA A 333 8.46 -21.07 -7.95
N ILE A 334 7.94 -21.80 -6.96
CA ILE A 334 8.10 -23.28 -6.76
C ILE A 334 6.74 -23.90 -7.04
N LYS A 335 6.72 -25.20 -7.39
CA LYS A 335 5.50 -26.04 -7.48
C LYS A 335 4.75 -25.97 -6.15
N CYS A 336 3.54 -25.39 -6.13
CA CYS A 336 2.72 -25.22 -4.90
C CYS A 336 2.13 -26.56 -4.47
N VAL A 337 2.08 -27.54 -5.38
CA VAL A 337 1.63 -28.94 -5.11
C VAL A 337 2.69 -29.91 -5.66
N PRO A 338 3.85 -30.05 -4.98
CA PRO A 338 4.96 -30.87 -5.47
C PRO A 338 4.63 -32.36 -5.73
N GLN A 339 3.63 -32.93 -5.08
CA GLN A 339 3.31 -34.38 -5.20
C GLN A 339 2.41 -34.65 -6.40
N ALA A 340 1.88 -33.62 -7.07
CA ALA A 340 0.81 -33.73 -8.10
C ALA A 340 1.33 -34.42 -9.36
N ASP A 341 0.45 -35.09 -10.11
CA ASP A 341 0.80 -36.00 -11.23
C ASP A 341 1.25 -35.23 -12.49
N VAL A 342 1.03 -33.91 -12.54
CA VAL A 342 0.90 -33.09 -13.78
C VAL A 342 2.26 -32.58 -14.31
N GLU A 343 2.32 -32.28 -15.60
CA GLU A 343 3.42 -31.50 -16.23
C GLU A 343 3.32 -30.05 -15.73
N TRP A 344 4.20 -29.64 -14.82
CA TRP A 344 4.33 -28.25 -14.33
C TRP A 344 5.29 -27.48 -15.25
N LYS A 345 4.77 -26.50 -16.01
CA LYS A 345 5.54 -25.63 -16.95
C LYS A 345 5.45 -24.20 -16.40
N PHE A 346 6.60 -23.58 -16.12
CA PHE A 346 6.72 -22.21 -15.56
C PHE A 346 6.96 -21.19 -16.68
N TYR A 347 6.48 -19.97 -16.45
CA TYR A 347 6.54 -18.82 -17.37
C TYR A 347 6.77 -17.58 -16.51
N ASP A 348 7.86 -16.85 -16.81
CA ASP A 348 8.39 -15.77 -15.95
C ASP A 348 7.63 -14.49 -16.30
N ALA A 349 7.16 -13.77 -15.29
CA ALA A 349 6.65 -12.39 -15.43
C ALA A 349 6.72 -11.68 -14.08
N GLN A 350 7.25 -10.48 -14.08
CA GLN A 350 7.30 -9.63 -12.87
C GLN A 350 5.90 -9.10 -12.58
N PRO A 351 5.63 -8.75 -11.30
CA PRO A 351 4.47 -7.95 -10.94
C PRO A 351 4.31 -6.81 -11.94
N CYS A 352 3.17 -6.69 -12.59
CA CYS A 352 2.86 -5.47 -13.37
C CYS A 352 2.42 -4.43 -12.33
N SER A 353 3.10 -3.30 -12.29
CA SER A 353 2.81 -2.23 -11.30
C SER A 353 1.98 -1.14 -11.97
N ASP A 354 1.86 -1.16 -13.29
CA ASP A 354 1.34 0.00 -14.07
C ASP A 354 -0.06 -0.35 -14.60
N LYS A 355 -0.14 -0.96 -15.79
CA LYS A 355 -1.36 -1.56 -16.39
C LYS A 355 -1.25 -3.08 -16.29
N ALA A 356 -2.39 -3.76 -16.11
CA ALA A 356 -2.50 -5.25 -16.20
C ALA A 356 -1.91 -5.70 -17.53
N TYR A 357 -1.16 -6.80 -17.52
CA TYR A 357 -0.69 -7.49 -18.75
C TYR A 357 -1.89 -7.77 -19.65
N LYS A 358 -1.67 -7.63 -20.96
CA LYS A 358 -2.61 -8.00 -22.05
C LYS A 358 -2.35 -9.48 -22.36
N ILE A 359 -3.37 -10.33 -22.23
CA ILE A 359 -3.19 -11.80 -22.37
C ILE A 359 -2.56 -12.05 -23.75
N GLU A 360 -2.98 -11.27 -24.75
CA GLU A 360 -2.51 -11.35 -26.16
C GLU A 360 -0.98 -11.26 -26.21
N GLU A 361 -0.38 -10.35 -25.43
CA GLU A 361 1.07 -10.03 -25.47
C GLU A 361 1.83 -10.94 -24.49
N LEU A 362 1.15 -11.53 -23.50
CA LEU A 362 1.79 -12.41 -22.48
C LEU A 362 2.03 -13.82 -23.06
N PHE A 363 1.21 -14.25 -24.02
CA PHE A 363 1.19 -15.65 -24.53
C PHE A 363 1.66 -15.75 -25.99
N TYR A 364 1.13 -14.88 -26.87
CA TYR A 364 1.18 -15.03 -28.35
C TYR A 364 1.95 -13.90 -29.05
N SER A 365 2.74 -13.08 -28.33
CA SER A 365 3.87 -12.32 -28.93
C SER A 365 4.92 -13.35 -29.34
N TYR A 366 5.80 -13.05 -30.32
CA TYR A 366 6.76 -14.02 -30.92
C TYR A 366 6.17 -15.43 -30.77
N ALA A 367 4.95 -15.67 -31.30
CA ALA A 367 4.20 -16.94 -31.13
C ALA A 367 4.92 -18.08 -31.85
N THR A 368 6.15 -17.86 -32.35
CA THR A 368 7.10 -18.91 -32.82
C THR A 368 6.86 -20.20 -32.02
N HIS A 369 5.97 -21.06 -32.50
CA HIS A 369 5.39 -22.18 -31.70
C HIS A 369 5.29 -21.73 -30.23
N SER A 370 4.31 -20.87 -29.91
CA SER A 370 3.90 -20.56 -28.51
C SER A 370 3.41 -21.87 -27.87
N ASP A 371 3.67 -22.07 -26.58
CA ASP A 371 3.16 -23.24 -25.80
C ASP A 371 1.63 -23.26 -25.88
N LYS A 372 1.00 -24.44 -25.76
CA LYS A 372 -0.48 -24.63 -25.85
C LYS A 372 -1.11 -24.24 -24.51
N PHE A 373 -1.32 -22.92 -24.28
CA PHE A 373 -1.87 -22.38 -23.01
C PHE A 373 -3.36 -22.74 -22.87
N THR A 374 -3.99 -23.24 -23.93
CA THR A 374 -5.42 -23.67 -23.96
C THR A 374 -5.56 -25.12 -23.49
N ASP A 375 -4.50 -25.93 -23.63
CA ASP A 375 -4.35 -27.27 -22.99
C ASP A 375 -4.18 -27.08 -21.49
N GLY A 376 -4.77 -27.98 -20.69
CA GLY A 376 -4.61 -28.03 -19.22
C GLY A 376 -5.19 -26.79 -18.56
N VAL A 377 -4.56 -26.35 -17.49
CA VAL A 377 -5.02 -25.16 -16.72
C VAL A 377 -3.87 -24.15 -16.58
N CYS A 378 -4.22 -22.87 -16.52
CA CYS A 378 -3.29 -21.76 -16.27
C CYS A 378 -3.54 -21.26 -14.84
N LEU A 379 -2.46 -21.17 -14.06
CA LEU A 379 -2.42 -20.64 -12.69
C LEU A 379 -1.82 -19.24 -12.75
N PHE A 380 -2.64 -18.21 -12.53
CA PHE A 380 -2.22 -16.80 -12.34
C PHE A 380 -2.32 -16.43 -10.85
N TRP A 381 -1.28 -16.72 -10.07
CA TRP A 381 -1.24 -16.33 -8.63
C TRP A 381 -0.60 -14.94 -8.50
N ASN A 382 -1.45 -13.93 -8.34
CA ASN A 382 -1.13 -12.48 -8.35
C ASN A 382 -0.37 -12.15 -9.64
N CYS A 383 -0.82 -12.67 -10.78
CA CYS A 383 -0.32 -12.26 -12.11
C CYS A 383 -1.47 -11.60 -12.88
N ASN A 384 -1.57 -10.28 -12.81
CA ASN A 384 -2.75 -9.48 -13.22
C ASN A 384 -2.79 -9.34 -14.74
N VAL A 385 -3.86 -9.83 -15.39
CA VAL A 385 -4.03 -9.66 -16.85
C VAL A 385 -5.38 -8.96 -17.08
N ASP A 386 -5.61 -8.52 -18.31
CA ASP A 386 -6.79 -7.71 -18.71
C ASP A 386 -8.05 -8.61 -18.71
N ARG A 387 -7.88 -9.88 -19.09
CA ARG A 387 -8.98 -10.84 -19.35
C ARG A 387 -8.40 -12.26 -19.32
N TYR A 388 -8.73 -13.02 -18.28
CA TYR A 388 -8.12 -14.34 -18.05
C TYR A 388 -8.75 -15.33 -19.01
N PRO A 389 -7.97 -16.29 -19.55
CA PRO A 389 -8.53 -17.37 -20.34
C PRO A 389 -9.46 -18.20 -19.44
N ALA A 390 -10.47 -18.87 -20.03
CA ALA A 390 -11.49 -19.66 -19.30
C ALA A 390 -10.84 -20.83 -18.54
N ASN A 391 -9.67 -21.34 -18.94
CA ASN A 391 -9.05 -22.51 -18.25
C ASN A 391 -8.08 -22.03 -17.17
N SER A 392 -8.51 -21.13 -16.29
CA SER A 392 -7.62 -20.45 -15.31
C SER A 392 -8.07 -20.63 -13.85
N ILE A 393 -7.09 -20.77 -12.96
CA ILE A 393 -7.16 -20.54 -11.47
C ILE A 393 -6.51 -19.17 -11.21
N VAL A 394 -7.17 -18.30 -10.45
CA VAL A 394 -6.69 -16.89 -10.31
C VAL A 394 -6.84 -16.40 -8.88
N CYS A 395 -5.75 -15.86 -8.32
CA CYS A 395 -5.74 -14.94 -7.15
C CYS A 395 -5.44 -13.50 -7.62
N ARG A 396 -6.33 -12.55 -7.36
CA ARG A 396 -6.17 -11.14 -7.80
C ARG A 396 -6.46 -10.22 -6.61
N PHE A 397 -5.53 -9.34 -6.27
CA PHE A 397 -5.63 -8.38 -5.14
C PHE A 397 -6.68 -7.33 -5.50
N ASP A 398 -7.63 -7.08 -4.61
CA ASP A 398 -8.72 -6.09 -4.80
C ASP A 398 -8.19 -4.78 -4.24
N THR A 399 -7.75 -3.92 -5.14
CA THR A 399 -7.13 -2.63 -4.81
C THR A 399 -8.09 -1.83 -3.93
N ARG A 400 -9.40 -2.09 -3.93
CA ARG A 400 -10.36 -1.20 -3.22
C ARG A 400 -10.38 -1.48 -1.70
N VAL A 401 -9.72 -2.54 -1.21
CA VAL A 401 -9.80 -2.95 0.22
C VAL A 401 -9.23 -1.85 1.13
N LEU A 402 -9.88 -1.62 2.29
CA LEU A 402 -9.36 -0.77 3.40
C LEU A 402 -8.53 -1.63 4.37
N SER A 403 -7.21 -1.42 4.40
CA SER A 403 -6.31 -1.99 5.44
C SER A 403 -5.11 -1.09 5.65
N ASN A 404 -4.32 -1.40 6.69
CA ASN A 404 -3.06 -0.73 7.05
C ASN A 404 -1.94 -1.14 6.08
N LEU A 405 -2.12 -2.25 5.36
CA LEU A 405 -1.10 -2.72 4.38
C LEU A 405 -1.35 -2.05 3.03
N ASN A 406 -2.59 -1.66 2.77
CA ASN A 406 -3.01 -1.09 1.46
C ASN A 406 -3.11 0.44 1.55
N LEU A 407 -2.21 1.12 0.85
CA LEU A 407 -2.16 2.60 0.72
C LEU A 407 -2.72 3.00 -0.65
N PRO A 408 -3.39 4.16 -0.73
CA PRO A 408 -3.93 4.66 -1.99
C PRO A 408 -2.80 4.83 -3.03
N GLY A 409 -3.09 4.49 -4.28
CA GLY A 409 -2.08 4.51 -5.36
C GLY A 409 -2.49 5.40 -6.51
N CYS A 410 -2.08 5.03 -7.73
N CYS A 410 -2.02 5.04 -7.71
CA CYS A 410 -2.13 5.87 -8.94
CA CYS A 410 -2.16 5.81 -8.97
C CYS A 410 -3.11 5.29 -9.97
C CYS A 410 -3.25 5.24 -9.86
N ASP A 411 -4.03 6.13 -10.47
CA ASP A 411 -4.96 5.79 -11.57
C ASP A 411 -5.88 4.65 -11.13
N GLY A 412 -6.37 4.70 -9.89
CA GLY A 412 -7.35 3.76 -9.30
C GLY A 412 -6.69 2.53 -8.70
N GLY A 413 -5.37 2.37 -8.88
CA GLY A 413 -4.56 1.29 -8.29
C GLY A 413 -4.19 1.59 -6.84
N SER A 414 -3.47 0.68 -6.20
CA SER A 414 -3.12 0.80 -4.77
C SER A 414 -1.71 0.29 -4.55
N LEU A 415 -1.09 0.77 -3.47
CA LEU A 415 0.26 0.33 -3.06
C LEU A 415 0.10 -0.62 -1.88
N TYR A 416 0.31 -1.91 -2.11
CA TYR A 416 0.18 -2.97 -1.07
C TYR A 416 1.59 -3.19 -0.53
N VAL A 417 1.76 -2.85 0.75
CA VAL A 417 3.07 -2.97 1.41
C VAL A 417 2.94 -4.06 2.47
N ASN A 418 3.56 -5.21 2.19
CA ASN A 418 3.66 -6.43 3.03
C ASN A 418 5.03 -7.03 2.73
N LYS A 419 6.02 -6.78 3.61
CA LYS A 419 7.46 -7.10 3.39
C LYS A 419 7.99 -6.22 2.25
N HIS A 420 7.42 -6.31 1.03
CA HIS A 420 7.80 -5.46 -0.12
C HIS A 420 6.65 -4.51 -0.49
N ALA A 421 6.93 -3.52 -1.33
CA ALA A 421 5.90 -2.61 -1.89
C ALA A 421 5.56 -3.09 -3.30
N PHE A 422 4.29 -3.41 -3.51
CA PHE A 422 3.72 -3.80 -4.82
C PHE A 422 2.63 -2.82 -5.18
N HIS A 423 2.92 -1.86 -6.07
CA HIS A 423 1.82 -1.05 -6.67
C HIS A 423 1.03 -2.02 -7.56
N THR A 424 -0.30 -1.92 -7.54
CA THR A 424 -1.24 -2.91 -8.13
C THR A 424 -2.29 -2.16 -8.96
N PRO A 425 -2.46 -2.53 -10.24
CA PRO A 425 -3.43 -1.87 -11.12
C PRO A 425 -4.85 -1.89 -10.52
N ALA A 426 -5.69 -0.92 -10.86
CA ALA A 426 -7.08 -0.85 -10.34
C ALA A 426 -7.78 -2.22 -10.57
N PHE A 427 -8.45 -2.74 -9.54
CA PHE A 427 -9.36 -3.91 -9.66
C PHE A 427 -10.44 -3.62 -10.71
N ASP A 428 -10.62 -4.54 -11.66
CA ASP A 428 -11.63 -4.50 -12.75
C ASP A 428 -12.35 -5.86 -12.82
N LYS A 429 -13.65 -5.89 -12.50
CA LYS A 429 -14.51 -7.10 -12.49
C LYS A 429 -14.50 -7.77 -13.87
N SER A 430 -14.43 -6.97 -14.93
CA SER A 430 -14.51 -7.43 -16.33
C SER A 430 -13.35 -8.36 -16.68
N ALA A 431 -12.28 -8.41 -15.88
CA ALA A 431 -11.12 -9.31 -16.12
C ALA A 431 -11.54 -10.79 -15.99
N PHE A 432 -12.65 -11.07 -15.32
CA PHE A 432 -13.01 -12.40 -14.79
C PHE A 432 -14.23 -13.00 -15.51
N VAL A 433 -14.56 -12.50 -16.71
CA VAL A 433 -15.86 -12.78 -17.40
C VAL A 433 -15.91 -14.26 -17.78
N ASN A 434 -14.76 -14.88 -18.04
CA ASN A 434 -14.71 -16.32 -18.41
C ASN A 434 -14.60 -17.18 -17.15
N LEU A 435 -14.60 -16.58 -15.97
CA LEU A 435 -14.45 -17.35 -14.71
C LEU A 435 -15.65 -17.06 -13.80
N LYS A 436 -15.64 -17.73 -12.65
CA LYS A 436 -16.59 -17.53 -11.52
C LYS A 436 -15.77 -17.38 -10.24
N GLN A 437 -16.39 -16.81 -9.20
CA GLN A 437 -15.78 -16.75 -7.86
C GLN A 437 -15.60 -18.19 -7.40
N LEU A 438 -14.42 -18.49 -6.84
CA LEU A 438 -14.13 -19.80 -6.23
C LEU A 438 -14.86 -19.87 -4.90
N PRO A 439 -15.76 -20.85 -4.70
CA PRO A 439 -16.47 -20.95 -3.43
C PRO A 439 -15.52 -21.55 -2.38
N PHE A 440 -15.72 -21.23 -1.10
CA PHE A 440 -14.91 -21.78 0.01
C PHE A 440 -15.07 -23.31 0.05
N PHE A 441 -14.01 -24.02 0.40
CA PHE A 441 -14.06 -25.46 0.75
C PHE A 441 -12.74 -25.87 1.35
N TYR A 442 -12.80 -26.91 2.17
CA TYR A 442 -11.63 -27.63 2.71
C TYR A 442 -11.65 -29.04 2.14
N TYR A 443 -10.49 -29.54 1.71
CA TYR A 443 -10.32 -30.91 1.20
C TYR A 443 -9.08 -31.52 1.85
N SER A 444 -9.19 -32.74 2.36
CA SER A 444 -8.03 -33.55 2.82
C SER A 444 -8.20 -35.03 2.46
N ASP A 445 -7.13 -35.61 1.92
CA ASP A 445 -6.92 -37.06 1.68
C ASP A 445 -6.21 -37.65 2.90
N SER A 446 -5.85 -36.83 3.88
CA SER A 446 -4.97 -37.23 5.02
C SER A 446 -5.77 -38.17 5.94
N PRO A 447 -5.12 -39.16 6.57
CA PRO A 447 -5.84 -40.12 7.40
C PRO A 447 -6.44 -39.42 8.63
N CYS A 448 -7.62 -39.85 9.06
CA CYS A 448 -8.31 -39.39 10.29
C CYS A 448 -7.55 -40.00 11.47
N GLU A 449 -6.98 -39.17 12.35
CA GLU A 449 -5.97 -39.61 13.35
C GLU A 449 -5.47 -38.38 14.13
N SER A 450 -5.83 -38.29 15.41
CA SER A 450 -5.67 -37.08 16.27
C SER A 450 -4.19 -36.77 16.52
N HIS A 451 -3.43 -37.67 17.16
CA HIS A 451 -1.98 -37.49 17.45
C HIS A 451 -1.75 -36.18 18.23
N GLY A 452 -1.87 -36.20 19.57
CA GLY A 452 -1.61 -35.02 20.40
C GLY A 452 -1.83 -35.30 21.88
N ILE A 459 -6.63 -27.32 22.16
CA ILE A 459 -7.32 -27.56 20.85
C ILE A 459 -8.61 -28.35 21.09
N ASP A 460 -9.46 -27.88 22.03
CA ASP A 460 -10.71 -28.58 22.47
C ASP A 460 -11.76 -28.53 21.34
N TYR A 461 -12.79 -29.38 21.45
CA TYR A 461 -13.71 -29.82 20.35
C TYR A 461 -15.15 -29.40 20.61
N VAL A 462 -15.86 -29.00 19.55
CA VAL A 462 -17.34 -29.09 19.37
C VAL A 462 -17.55 -29.84 18.05
N PRO A 463 -18.29 -30.98 18.01
CA PRO A 463 -18.33 -31.80 16.80
C PRO A 463 -18.71 -30.92 15.59
N LEU A 464 -17.96 -31.03 14.49
CA LEU A 464 -18.13 -30.13 13.32
C LEU A 464 -19.18 -30.70 12.35
N LYS A 465 -20.14 -29.88 11.95
CA LYS A 465 -21.06 -30.17 10.82
C LYS A 465 -20.81 -29.12 9.72
N SER A 466 -20.35 -29.55 8.55
CA SER A 466 -20.20 -28.67 7.36
C SER A 466 -20.31 -29.47 6.08
N ALA A 467 -21.08 -28.95 5.13
CA ALA A 467 -21.18 -29.43 3.73
C ALA A 467 -19.86 -29.23 2.95
N THR A 468 -19.01 -28.29 3.40
CA THR A 468 -17.75 -27.88 2.71
C THR A 468 -16.50 -28.57 3.31
N CYS A 469 -16.66 -29.52 4.23
CA CYS A 469 -15.53 -30.31 4.80
C CYS A 469 -15.40 -31.61 4.01
N ILE A 470 -14.54 -31.64 3.00
CA ILE A 470 -14.48 -32.76 2.04
C ILE A 470 -13.37 -33.73 2.45
N THR A 471 -13.75 -34.71 3.27
CA THR A 471 -12.87 -35.69 3.94
C THR A 471 -13.56 -37.06 3.93
N ARG A 472 -12.78 -38.14 4.13
CA ARG A 472 -13.30 -39.54 4.21
C ARG A 472 -14.35 -39.58 5.32
N CYS A 473 -14.06 -38.95 6.45
CA CYS A 473 -14.88 -39.00 7.68
C CYS A 473 -16.24 -38.39 7.39
N ASN A 474 -16.31 -37.27 6.68
CA ASN A 474 -17.58 -36.57 6.44
C ASN A 474 -18.40 -37.36 5.41
N LEU A 475 -17.72 -38.05 4.50
CA LEU A 475 -18.34 -38.97 3.52
C LEU A 475 -19.06 -40.07 4.30
N GLY A 476 -18.36 -40.65 5.27
CA GLY A 476 -18.86 -41.68 6.19
C GLY A 476 -19.77 -41.15 7.29
N GLY A 477 -20.17 -39.87 7.24
CA GLY A 477 -21.24 -39.32 8.11
C GLY A 477 -20.75 -38.35 9.17
N ALA A 478 -19.67 -38.68 9.89
CA ALA A 478 -19.17 -37.94 11.09
C ALA A 478 -17.72 -37.45 10.89
N VAL A 479 -17.50 -36.12 10.95
CA VAL A 479 -16.14 -35.49 10.84
C VAL A 479 -15.31 -35.89 12.07
N CYS A 480 -14.12 -36.46 11.85
CA CYS A 480 -13.16 -36.82 12.93
C CYS A 480 -12.56 -35.54 13.52
N ARG A 481 -11.99 -35.62 14.73
CA ARG A 481 -11.50 -34.44 15.50
C ARG A 481 -10.37 -33.76 14.73
N HIS A 482 -9.40 -34.52 14.23
CA HIS A 482 -8.24 -34.00 13.46
C HIS A 482 -8.74 -33.09 12.30
N HIS A 483 -9.59 -33.62 11.43
CA HIS A 483 -10.10 -32.88 10.24
C HIS A 483 -10.97 -31.70 10.66
N ALA A 484 -11.58 -31.75 11.84
CA ALA A 484 -12.36 -30.62 12.40
C ALA A 484 -11.45 -29.46 12.77
N ASN A 485 -10.27 -29.75 13.34
CA ASN A 485 -9.24 -28.76 13.77
C ASN A 485 -8.64 -28.12 12.52
N GLU A 486 -8.18 -28.96 11.59
CA GLU A 486 -7.62 -28.57 10.28
C GLU A 486 -8.64 -27.72 9.53
N TYR A 487 -9.91 -28.12 9.55
CA TYR A 487 -10.97 -27.40 8.82
C TYR A 487 -11.05 -26.00 9.40
N ARG A 488 -11.05 -25.87 10.73
CA ARG A 488 -11.33 -24.57 11.39
C ARG A 488 -10.11 -23.66 11.24
N LEU A 489 -8.94 -24.26 11.24
CA LEU A 489 -7.65 -23.57 11.02
C LEU A 489 -7.63 -23.04 9.59
N TYR A 490 -8.00 -23.87 8.61
CA TYR A 490 -8.02 -23.48 7.17
C TYR A 490 -9.09 -22.41 6.95
N LEU A 491 -10.29 -22.57 7.48
CA LEU A 491 -11.31 -21.49 7.35
C LEU A 491 -10.75 -20.16 7.90
N ASP A 492 -9.95 -20.19 8.96
CA ASP A 492 -9.42 -18.96 9.61
C ASP A 492 -8.43 -18.29 8.64
N ALA A 493 -7.45 -19.05 8.15
CA ALA A 493 -6.48 -18.64 7.11
C ALA A 493 -7.24 -18.05 5.91
N TYR A 494 -8.15 -18.82 5.31
CA TYR A 494 -8.99 -18.39 4.18
C TYR A 494 -9.63 -17.01 4.45
N ASN A 495 -10.20 -16.79 5.65
CA ASN A 495 -10.91 -15.51 5.97
C ASN A 495 -9.87 -14.38 6.11
N MET A 496 -8.69 -14.71 6.63
CA MET A 496 -7.58 -13.75 6.82
C MET A 496 -7.29 -13.16 5.44
N MET A 497 -7.03 -14.07 4.52
CA MET A 497 -6.65 -13.80 3.12
C MET A 497 -7.67 -12.89 2.46
N ILE A 498 -8.95 -13.23 2.60
CA ILE A 498 -10.04 -12.56 1.84
C ILE A 498 -10.14 -11.13 2.36
N SER A 499 -10.11 -10.99 3.67
CA SER A 499 -10.28 -9.69 4.35
C SER A 499 -9.06 -8.81 4.05
N ALA A 500 -7.89 -9.43 3.83
CA ALA A 500 -6.64 -8.76 3.43
C ALA A 500 -6.76 -8.18 2.00
N GLY A 501 -7.73 -8.68 1.21
CA GLY A 501 -8.15 -8.07 -0.06
C GLY A 501 -8.00 -8.99 -1.27
N PHE A 502 -7.44 -10.18 -1.09
CA PHE A 502 -7.30 -11.17 -2.18
C PHE A 502 -8.66 -11.72 -2.58
N SER A 503 -8.88 -11.89 -3.88
CA SER A 503 -10.09 -12.52 -4.43
C SER A 503 -9.68 -13.70 -5.30
N LEU A 504 -10.48 -14.76 -5.30
CA LEU A 504 -10.16 -16.04 -5.96
C LEU A 504 -11.26 -16.34 -6.96
N TRP A 505 -10.85 -16.86 -8.12
CA TRP A 505 -11.69 -17.05 -9.33
C TRP A 505 -11.23 -18.37 -9.99
N VAL A 506 -12.13 -19.08 -10.64
CA VAL A 506 -11.79 -20.41 -11.20
C VAL A 506 -12.59 -20.65 -12.47
N TYR A 507 -12.11 -21.55 -13.31
CA TYR A 507 -12.86 -22.07 -14.48
C TYR A 507 -14.26 -22.52 -14.05
N LYS A 508 -15.27 -22.26 -14.88
CA LYS A 508 -16.72 -22.43 -14.57
C LYS A 508 -17.07 -23.92 -14.31
N GLN A 509 -16.40 -24.87 -14.94
CA GLN A 509 -16.67 -26.33 -14.80
C GLN A 509 -16.23 -26.81 -13.41
N PHE A 510 -15.58 -25.97 -12.59
CA PHE A 510 -15.05 -26.39 -11.27
C PHE A 510 -16.21 -26.68 -10.30
N ASP A 511 -16.15 -27.86 -9.69
CA ASP A 511 -17.24 -28.46 -8.87
C ASP A 511 -16.58 -29.32 -7.79
N THR A 512 -16.82 -28.99 -6.52
CA THR A 512 -16.26 -29.78 -5.37
C THR A 512 -16.90 -31.16 -5.30
N TYR A 513 -18.03 -31.38 -5.99
CA TYR A 513 -18.71 -32.71 -6.00
C TYR A 513 -17.74 -33.75 -6.57
N ASN A 514 -16.81 -33.34 -7.42
CA ASN A 514 -15.90 -34.30 -8.11
C ASN A 514 -14.85 -34.80 -7.13
N LEU A 515 -14.68 -34.15 -5.97
CA LEU A 515 -13.58 -34.48 -5.02
C LEU A 515 -13.93 -35.73 -4.20
N TRP A 516 -15.22 -36.00 -4.02
CA TRP A 516 -15.70 -37.10 -3.14
C TRP A 516 -15.22 -38.46 -3.65
N ASN A 517 -15.02 -38.64 -4.98
CA ASN A 517 -14.64 -39.94 -5.59
C ASN A 517 -13.12 -40.15 -5.51
N THR A 518 -12.37 -39.28 -4.82
CA THR A 518 -10.92 -39.48 -4.55
C THR A 518 -10.75 -40.25 -3.24
N PHE A 519 -11.85 -40.56 -2.55
CA PHE A 519 -11.94 -41.62 -1.51
C PHE A 519 -12.94 -42.71 -1.96
N THR A 520 -12.48 -43.96 -2.11
CA THR A 520 -13.30 -45.11 -2.56
C THR A 520 -12.73 -46.41 -1.94
ZN ZN B . -3.75 10.64 -9.22
ZN ZN C . -11.30 -37.37 9.33
ZN ZN D . 3.88 6.61 22.97
P PO4 E . 8.22 3.59 8.74
O1 PO4 E . 7.38 3.28 9.97
O2 PO4 E . 8.33 2.34 7.84
O3 PO4 E . 9.62 3.98 9.21
O4 PO4 E . 7.56 4.71 7.93
P PO4 F . -4.32 -32.02 6.41
O1 PO4 F . -5.71 -32.60 6.62
O2 PO4 F . -3.84 -32.38 5.00
O3 PO4 F . -4.40 -30.49 6.54
O4 PO4 F . -3.35 -32.62 7.47
N1 LRF G . 1.84 -8.65 -7.00
N3 LRF G . 2.58 -10.94 -4.08
C4 LRF G . 1.95 -9.36 -5.87
C5 LRF G . 1.66 -10.03 -3.66
C6 LRF G . 1.27 -9.98 -2.22
C7 LRF G . 1.20 -9.19 -4.70
C8 LRF G . 0.16 -8.23 -4.59
C1 LRF G . 2.18 -9.28 -8.27
C2 LRF G . 1.53 -7.23 -7.03
C3 LRF G . 0.52 -6.83 -8.09
O1 LRF G . -0.54 -7.44 -8.20
N2 LRF G . 0.88 -5.81 -8.86
S1 LRF G . 3.07 -10.66 -5.65
N4 LRF G . -0.62 -7.42 -4.54
N1 LRF H . 5.93 -16.30 -24.23
N3 LRF H . 8.99 -17.12 -26.33
C4 LRF H . 6.90 -16.82 -25.04
C5 LRF H . 8.23 -18.20 -26.37
C6 LRF H . 8.67 -19.35 -27.21
C7 LRF H . 7.04 -18.11 -25.58
C8 LRF H . 6.10 -19.17 -25.36
C1 LRF H . 4.79 -17.10 -23.80
C2 LRF H . 5.96 -14.91 -23.79
C3 LRF H . 5.41 -13.95 -24.81
O1 LRF H . 4.88 -14.36 -25.84
N2 LRF H . 5.52 -12.67 -24.50
S1 LRF H . 8.21 -15.84 -25.62
N4 LRF H . 5.34 -20.01 -25.13
#